data_9FCG
#
_entry.id   9FCG
#
_cell.length_a   87.790
_cell.length_b   87.790
_cell.length_c   35.633
_cell.angle_alpha   90.000
_cell.angle_beta   90.000
_cell.angle_gamma   90.000
#
_symmetry.space_group_name_H-M   'P 4'
#
loop_
_entity.id
_entity.type
_entity.pdbx_description
1 polymer '1-(5-phosphoribosyl)-5-[(5-phosphoribosylamino)methylideneamino] imidazole-4-carboxamide isomerase, chloroplastic'
2 non-polymer '[(2R,3S,4R,5R)-5-[4-AMINOCARBONYL-5-[[(Z)-[(3R,4R)-3,4-DIHYDROXY-2-OXO-5-PHOSPHONOOXY-PENTYL]IMINOMETHYL]AMINO]IMIDAZOL-1-YL]-3,4-DIHYDROXY-OXOLAN-2-YL]METHYL DIHYDROGEN PHOSPHATE'
3 non-polymer (4S)-2-METHYL-2,4-PENTANEDIOL
4 non-polymer 'SODIUM ION'
5 non-polymer 'CHLORIDE ION'
6 water water
#
_entity_poly.entity_id   1
_entity_poly.type   'polypeptide(L)'
_entity_poly.pdbx_seq_one_letter_code
;SNASPPSIQCSVQFRPCINIHKGKVKQIVGSTLKDLKDDDGSDPITNFESDKSAAEYATLYKQDGLKGGHVIMLGADPFS
KAASLEALHAYPGGLQVGGGINSDNCLSYIEEGASHVIVTSYVFNNGQMDLERLKDLVRIVGKERLVLDLSCRKKEGKYA
IVTDRWQKFSDVSLDAKVMEFLANFADEFLVHGVDVEGKKLGIDEELVALLGKHSPIPVTYAGGVTVMDDLERIRTAGMD
NVDVTVGSALDIFGGNLAYKDVVAWHNQQKVSVA
;
_entity_poly.pdbx_strand_id   A
#
# COMPACT_ATOMS: atom_id res chain seq x y z
N SER A 11 -10.40 8.75 -13.22
CA SER A 11 -9.16 9.50 -13.16
C SER A 11 -8.19 8.90 -12.15
N VAL A 12 -6.91 8.86 -12.53
CA VAL A 12 -5.88 8.32 -11.67
C VAL A 12 -5.70 9.22 -10.46
N GLN A 13 -5.58 8.61 -9.28
CA GLN A 13 -5.31 9.34 -8.05
C GLN A 13 -3.93 9.02 -7.51
N PHE A 14 -3.27 10.07 -7.00
CA PHE A 14 -2.11 9.95 -6.13
C PHE A 14 -2.60 9.53 -4.75
N ARG A 15 -2.22 8.32 -4.33
CA ARG A 15 -2.52 7.83 -2.99
C ARG A 15 -1.25 7.95 -2.16
N PRO A 16 -1.14 8.92 -1.27
CA PRO A 16 0.13 9.11 -0.55
C PRO A 16 0.33 8.05 0.52
N CYS A 17 1.56 7.95 1.00
CA CYS A 17 1.84 6.94 2.01
C CYS A 17 2.65 7.53 3.17
N ILE A 18 2.58 6.81 4.29
CA ILE A 18 3.45 7.02 5.44
C ILE A 18 3.87 5.62 5.88
N ASN A 19 5.16 5.32 5.79
CA ASN A 19 5.68 4.04 6.27
CA ASN A 19 5.69 4.05 6.27
C ASN A 19 6.38 4.28 7.60
N ILE A 20 6.05 3.46 8.60
CA ILE A 20 6.59 3.58 9.94
C ILE A 20 7.33 2.30 10.29
N HIS A 21 8.62 2.42 10.62
CA HIS A 21 9.45 1.29 10.97
C HIS A 21 10.20 1.61 12.26
N LYS A 22 10.06 0.73 13.25
CA LYS A 22 10.67 0.92 14.57
C LYS A 22 10.34 2.30 15.13
N GLY A 23 9.07 2.68 15.00
CA GLY A 23 8.58 3.92 15.56
C GLY A 23 8.91 5.19 14.80
N LYS A 24 9.55 5.09 13.64
CA LYS A 24 9.97 6.27 12.90
C LYS A 24 9.42 6.22 11.49
N VAL A 25 9.11 7.41 10.95
CA VAL A 25 8.79 7.53 9.53
C VAL A 25 10.05 7.20 8.72
N LYS A 26 9.93 6.21 7.82
CA LYS A 26 11.03 5.81 6.95
C LYS A 26 10.53 5.53 5.55
N GLN A 27 11.45 5.50 4.60
CA GLN A 27 11.23 4.83 3.34
C GLN A 27 12.37 3.83 3.18
N ILE A 28 12.02 2.57 2.93
CA ILE A 28 13.01 1.51 2.83
C ILE A 28 12.83 0.80 1.49
N VAL A 29 13.79 -0.06 1.18
CA VAL A 29 13.63 -1.04 0.11
C VAL A 29 12.96 -2.25 0.75
N GLY A 30 11.65 -2.39 0.51
CA GLY A 30 10.87 -3.38 1.24
C GLY A 30 11.34 -4.81 1.07
N SER A 31 11.88 -5.15 -0.09
CA SER A 31 12.36 -6.51 -0.32
C SER A 31 13.62 -6.83 0.47
N THR A 32 14.20 -5.85 1.16
CA THR A 32 15.37 -6.11 1.99
C THR A 32 15.02 -6.18 3.47
N LEU A 33 13.73 -6.17 3.81
CA LEU A 33 13.31 -6.44 5.17
C LEU A 33 13.53 -7.92 5.42
N LYS A 34 14.31 -8.23 6.43
CA LYS A 34 14.63 -9.61 6.79
C LYS A 34 14.30 -9.79 8.26
N ASP A 35 13.02 -9.72 8.60
CA ASP A 35 12.64 -9.95 9.99
C ASP A 35 11.83 -11.23 10.17
N LEU A 36 11.53 -11.96 9.10
CA LEU A 36 10.79 -13.21 9.27
C LEU A 36 11.67 -14.29 9.89
N LYS A 37 12.97 -14.27 9.61
CA LYS A 37 13.90 -15.21 10.21
C LYS A 37 14.83 -14.52 11.21
N SER A 42 21.82 -8.21 8.03
CA SER A 42 21.87 -6.88 7.43
C SER A 42 20.55 -6.14 7.62
N ASP A 43 20.61 -4.92 8.15
CA ASP A 43 19.42 -4.09 8.25
C ASP A 43 18.83 -3.84 6.87
N PRO A 44 17.52 -3.57 6.78
CA PRO A 44 16.96 -3.18 5.48
C PRO A 44 17.67 -1.96 4.95
N ILE A 45 17.76 -1.88 3.63
CA ILE A 45 18.27 -0.68 2.97
C ILE A 45 17.30 0.45 3.23
N THR A 46 17.78 1.52 3.85
CA THR A 46 16.94 2.65 4.25
C THR A 46 17.23 3.82 3.32
N ASN A 47 16.21 4.25 2.59
CA ASN A 47 16.32 5.43 1.74
C ASN A 47 16.19 6.73 2.51
N PHE A 48 15.44 6.70 3.63
CA PHE A 48 15.07 7.91 4.35
C PHE A 48 14.60 7.54 5.73
N GLU A 49 14.97 8.34 6.73
CA GLU A 49 14.31 8.23 8.02
C GLU A 49 14.25 9.61 8.66
N SER A 50 13.26 9.79 9.52
CA SER A 50 13.02 11.11 10.10
C SER A 50 12.48 10.95 11.51
N ASP A 51 12.74 11.94 12.35
CA ASP A 51 12.10 12.05 13.65
C ASP A 51 10.80 12.84 13.60
N LYS A 52 10.42 13.34 12.42
CA LYS A 52 9.18 14.08 12.28
C LYS A 52 7.98 13.18 12.56
N SER A 53 6.99 13.71 13.29
CA SER A 53 5.79 12.93 13.59
C SER A 53 5.06 12.54 12.31
N ALA A 54 4.54 11.30 12.30
CA ALA A 54 3.67 10.89 11.21
C ALA A 54 2.44 11.79 11.09
N ALA A 55 2.04 12.46 12.17
CA ALA A 55 0.95 13.43 12.08
C ALA A 55 1.28 14.58 11.13
N GLU A 56 2.56 14.95 11.00
CA GLU A 56 2.89 16.06 10.10
C GLU A 56 2.65 15.67 8.66
N TYR A 57 2.99 14.43 8.29
CA TYR A 57 2.69 13.95 6.94
C TYR A 57 1.19 13.81 6.73
N ALA A 58 0.47 13.27 7.73
CA ALA A 58 -0.98 13.15 7.61
C ALA A 58 -1.64 14.50 7.39
N THR A 59 -1.19 15.51 8.15
CA THR A 59 -1.74 16.86 8.01
C THR A 59 -1.44 17.46 6.65
N LEU A 60 -0.23 17.22 6.12
CA LEU A 60 0.11 17.69 4.78
C LEU A 60 -0.85 17.13 3.75
N TYR A 61 -1.07 15.81 3.79
CA TYR A 61 -1.97 15.18 2.84
C TYR A 61 -3.39 15.71 3.00
N LYS A 62 -3.82 15.91 4.24
CA LYS A 62 -5.15 16.47 4.50
C LYS A 62 -5.29 17.85 3.88
N GLN A 63 -4.27 18.71 4.03
CA GLN A 63 -4.33 20.07 3.50
C GLN A 63 -4.46 20.08 1.99
N ASP A 64 -3.85 19.11 1.31
CA ASP A 64 -3.92 19.05 -0.14
C ASP A 64 -5.09 18.21 -0.64
N GLY A 65 -5.94 17.72 0.26
CA GLY A 65 -7.15 17.02 -0.13
C GLY A 65 -6.93 15.62 -0.66
N LEU A 66 -5.79 15.01 -0.34
CA LEU A 66 -5.51 13.64 -0.80
C LEU A 66 -6.20 12.65 0.12
N LYS A 67 -7.15 11.89 -0.43
CA LYS A 67 -7.85 10.88 0.34
C LYS A 67 -7.38 9.49 -0.08
N GLY A 68 -7.48 8.54 0.84
CA GLY A 68 -7.22 7.16 0.48
C GLY A 68 -5.78 6.76 0.42
N GLY A 69 -4.89 7.54 1.01
CA GLY A 69 -3.52 7.10 1.23
C GLY A 69 -3.47 6.03 2.31
N HIS A 70 -2.26 5.53 2.55
CA HIS A 70 -2.10 4.45 3.54
C HIS A 70 -0.92 4.69 4.47
N VAL A 71 -1.12 4.31 5.73
CA VAL A 71 -0.07 4.26 6.74
C VAL A 71 0.26 2.80 6.99
N ILE A 72 1.53 2.43 6.93
CA ILE A 72 1.98 1.05 7.13
C ILE A 72 2.79 0.99 8.43
N MET A 73 2.37 0.11 9.34
CA MET A 73 3.13 -0.19 10.55
C MET A 73 4.04 -1.36 10.21
N LEU A 74 5.26 -1.06 9.79
CA LEU A 74 6.16 -2.06 9.25
C LEU A 74 6.91 -2.70 10.41
N GLY A 75 6.63 -3.98 10.65
CA GLY A 75 7.31 -4.72 11.70
C GLY A 75 6.50 -4.72 12.99
N ALA A 76 7.05 -5.45 13.96
CA ALA A 76 6.34 -5.77 15.19
C ALA A 76 6.63 -4.82 16.33
N ASP A 77 7.53 -3.86 16.16
CA ASP A 77 7.85 -2.92 17.22
C ASP A 77 6.58 -2.20 17.68
N PRO A 78 6.26 -2.20 18.98
CA PRO A 78 5.02 -1.55 19.42
C PRO A 78 5.04 -0.04 19.28
N PHE A 79 6.21 0.58 19.17
CA PHE A 79 6.22 2.03 19.01
C PHE A 79 5.78 2.44 17.61
N SER A 80 5.80 1.51 16.65
CA SER A 80 5.27 1.82 15.33
C SER A 80 3.77 1.97 15.35
N LYS A 81 3.08 1.22 16.20
CA LYS A 81 1.63 1.38 16.29
C LYS A 81 1.27 2.75 16.85
N ALA A 82 1.95 3.16 17.92
CA ALA A 82 1.71 4.48 18.50
C ALA A 82 1.92 5.59 17.47
N ALA A 83 2.97 5.47 16.66
CA ALA A 83 3.24 6.49 15.65
C ALA A 83 2.12 6.54 14.61
N SER A 84 1.61 5.37 14.22
CA SER A 84 0.56 5.35 13.19
C SER A 84 -0.71 5.97 13.69
N LEU A 85 -1.04 5.76 14.98
CA LEU A 85 -2.22 6.41 15.54
C LEU A 85 -2.10 7.93 15.50
N GLU A 86 -0.88 8.46 15.59
CA GLU A 86 -0.71 9.91 15.45
C GLU A 86 -1.21 10.39 14.09
N ALA A 87 -0.96 9.62 13.04
CA ALA A 87 -1.41 10.02 11.71
C ALA A 87 -2.92 9.90 11.56
N LEU A 88 -3.49 8.80 12.06
CA LEU A 88 -4.93 8.61 11.92
C LEU A 88 -5.69 9.68 12.69
N HIS A 89 -5.19 10.05 13.87
CA HIS A 89 -5.87 11.05 14.66
C HIS A 89 -5.79 12.42 14.01
N ALA A 90 -4.72 12.69 13.27
CA ALA A 90 -4.56 13.98 12.61
C ALA A 90 -5.42 14.12 11.37
N TYR A 91 -5.88 13.02 10.81
CA TYR A 91 -6.60 13.03 9.54
C TYR A 91 -7.68 11.95 9.57
N PRO A 92 -8.67 12.06 10.45
CA PRO A 92 -9.63 10.97 10.57
C PRO A 92 -10.44 10.80 9.30
N GLY A 93 -10.63 9.55 8.89
CA GLY A 93 -11.28 9.25 7.65
C GLY A 93 -10.41 9.42 6.42
N GLY A 94 -9.18 9.91 6.57
CA GLY A 94 -8.35 10.21 5.42
C GLY A 94 -7.38 9.13 5.00
N LEU A 95 -7.08 8.19 5.90
CA LEU A 95 -6.01 7.24 5.67
C LEU A 95 -6.46 5.81 5.94
N GLN A 96 -5.95 4.88 5.12
CA GLN A 96 -6.03 3.46 5.38
C GLN A 96 -4.82 3.05 6.22
N VAL A 97 -4.95 1.96 6.97
CA VAL A 97 -3.83 1.50 7.81
C VAL A 97 -3.62 0.00 7.64
N GLY A 98 -2.35 -0.39 7.56
CA GLY A 98 -1.98 -1.78 7.48
C GLY A 98 -0.73 -2.08 8.29
N GLY A 99 -0.52 -3.37 8.51
CA GLY A 99 0.66 -3.85 9.21
C GLY A 99 0.26 -4.75 10.35
N GLY A 100 0.16 -6.05 10.07
CA GLY A 100 -0.21 -7.00 11.11
C GLY A 100 -1.65 -6.95 11.56
N ILE A 101 -2.56 -6.43 10.72
CA ILE A 101 -3.98 -6.40 11.06
C ILE A 101 -4.54 -7.82 11.06
N ASN A 102 -5.41 -8.10 12.04
CA ASN A 102 -6.03 -9.42 12.15
C ASN A 102 -7.45 -9.23 12.69
N SER A 103 -8.13 -10.36 12.94
CA SER A 103 -9.52 -10.24 13.40
C SER A 103 -9.60 -9.66 14.81
N ASP A 104 -8.54 -9.76 15.61
CA ASP A 104 -8.62 -9.25 16.98
C ASP A 104 -8.43 -7.74 17.06
N ASN A 105 -7.75 -7.12 16.09
CA ASN A 105 -7.48 -5.70 16.18
C ASN A 105 -8.06 -4.85 15.05
N CYS A 106 -8.71 -5.45 14.04
CA CYS A 106 -9.09 -4.67 12.86
C CYS A 106 -10.08 -3.57 13.20
N LEU A 107 -11.08 -3.86 14.02
CA LEU A 107 -12.08 -2.84 14.35
C LEU A 107 -11.44 -1.69 15.11
N SER A 108 -10.47 -1.98 15.98
CA SER A 108 -9.84 -0.92 16.77
C SER A 108 -9.21 0.14 15.89
N TYR A 109 -8.67 -0.24 14.73
CA TYR A 109 -8.05 0.76 13.86
C TYR A 109 -9.08 1.66 13.19
N ILE A 110 -10.25 1.10 12.83
CA ILE A 110 -11.35 1.94 12.32
C ILE A 110 -11.77 2.93 13.40
N GLU A 111 -11.83 2.47 14.64
CA GLU A 111 -12.18 3.32 15.77
C GLU A 111 -11.10 4.32 16.14
N GLU A 112 -9.90 4.22 15.56
CA GLU A 112 -8.90 5.26 15.75
C GLU A 112 -8.91 6.31 14.63
N GLY A 113 -9.73 6.12 13.61
CA GLY A 113 -9.82 7.10 12.53
C GLY A 113 -9.47 6.57 11.15
N ALA A 114 -9.04 5.32 11.00
CA ALA A 114 -8.75 4.80 9.68
C ALA A 114 -10.04 4.62 8.87
N SER A 115 -9.96 4.89 7.57
CA SER A 115 -11.09 4.61 6.69
C SER A 115 -11.20 3.14 6.34
N HIS A 116 -10.06 2.45 6.27
CA HIS A 116 -10.00 1.03 5.91
C HIS A 116 -8.83 0.43 6.67
N VAL A 117 -8.90 -0.88 6.86
CA VAL A 117 -7.70 -1.64 7.23
C VAL A 117 -7.23 -2.38 6.00
N ILE A 118 -5.91 -2.51 5.87
CA ILE A 118 -5.24 -3.21 4.79
C ILE A 118 -4.70 -4.51 5.35
N VAL A 119 -4.95 -5.63 4.66
CA VAL A 119 -4.54 -6.95 5.12
C VAL A 119 -3.90 -7.75 3.99
N THR A 120 -2.79 -8.44 4.30
CA THR A 120 -2.35 -9.59 3.49
C THR A 120 -2.22 -10.81 4.38
N SER A 121 -1.26 -10.85 5.31
CA SER A 121 -0.79 -12.11 5.88
C SER A 121 -1.87 -12.84 6.68
N TYR A 122 -2.78 -12.12 7.34
CA TYR A 122 -3.75 -12.80 8.19
C TYR A 122 -4.64 -13.75 7.40
N VAL A 123 -4.89 -13.48 6.12
CA VAL A 123 -5.82 -14.31 5.35
C VAL A 123 -5.08 -15.34 4.49
N PHE A 124 -3.82 -15.64 4.82
CA PHE A 124 -3.10 -16.73 4.15
C PHE A 124 -2.62 -17.72 5.19
N ASN A 125 -2.81 -19.01 4.89
CA ASN A 125 -2.19 -20.08 5.67
C ASN A 125 -1.87 -21.22 4.73
N ASN A 126 -0.75 -21.88 4.99
CA ASN A 126 -0.25 -22.98 4.15
C ASN A 126 -0.06 -22.52 2.71
N GLY A 127 0.25 -21.24 2.50
CA GLY A 127 0.42 -20.68 1.18
C GLY A 127 -0.88 -20.46 0.42
N GLN A 128 -2.01 -20.76 1.03
CA GLN A 128 -3.31 -20.67 0.40
C GLN A 128 -4.12 -19.56 1.04
N MET A 129 -5.06 -19.01 0.27
CA MET A 129 -6.05 -18.10 0.84
C MET A 129 -6.87 -18.84 1.89
N ASP A 130 -6.99 -18.23 3.07
CA ASP A 130 -7.77 -18.80 4.17
C ASP A 130 -9.14 -18.12 4.12
N LEU A 131 -10.10 -18.78 3.46
CA LEU A 131 -11.38 -18.14 3.20
C LEU A 131 -12.16 -17.89 4.49
N GLU A 132 -11.98 -18.76 5.49
CA GLU A 132 -12.66 -18.55 6.77
C GLU A 132 -12.16 -17.28 7.47
N ARG A 133 -10.84 -17.05 7.42
CA ARG A 133 -10.29 -15.83 8.02
C ARG A 133 -10.72 -14.59 7.25
N LEU A 134 -10.74 -14.67 5.92
CA LEU A 134 -11.23 -13.54 5.13
C LEU A 134 -12.67 -13.21 5.48
N LYS A 135 -13.52 -14.24 5.59
CA LYS A 135 -14.91 -13.99 5.94
C LYS A 135 -15.05 -13.44 7.36
N ASP A 136 -14.12 -13.78 8.25
CA ASP A 136 -14.14 -13.22 9.61
C ASP A 136 -13.88 -11.72 9.58
N LEU A 137 -12.86 -11.27 8.84
CA LEU A 137 -12.61 -9.84 8.74
C LEU A 137 -13.81 -9.11 8.14
N VAL A 138 -14.38 -9.69 7.09
CA VAL A 138 -15.54 -9.07 6.44
C VAL A 138 -16.71 -8.98 7.41
N ARG A 139 -16.89 -10.01 8.26
CA ARG A 139 -17.96 -9.95 9.26
C ARG A 139 -17.75 -8.81 10.25
N ILE A 140 -16.50 -8.53 10.61
CA ILE A 140 -16.22 -7.59 11.70
C ILE A 140 -16.23 -6.15 11.20
N VAL A 141 -15.56 -5.84 10.10
CA VAL A 141 -15.48 -4.46 9.63
C VAL A 141 -16.30 -4.21 8.38
N GLY A 142 -16.72 -5.23 7.66
CA GLY A 142 -17.42 -5.06 6.40
C GLY A 142 -16.46 -4.90 5.25
N LYS A 143 -16.86 -5.36 4.05
CA LYS A 143 -15.95 -5.28 2.93
C LYS A 143 -15.64 -3.83 2.59
N GLU A 144 -16.59 -2.93 2.84
CA GLU A 144 -16.40 -1.50 2.56
C GLU A 144 -15.22 -0.88 3.31
N ARG A 145 -14.76 -1.49 4.40
CA ARG A 145 -13.64 -0.95 5.16
C ARG A 145 -12.44 -1.89 5.14
N LEU A 146 -12.39 -2.80 4.17
CA LEU A 146 -11.29 -3.74 4.01
C LEU A 146 -10.58 -3.52 2.68
N VAL A 147 -9.26 -3.37 2.71
CA VAL A 147 -8.43 -3.33 1.51
C VAL A 147 -7.57 -4.58 1.54
N LEU A 148 -7.62 -5.37 0.48
CA LEU A 148 -6.76 -6.54 0.38
C LEU A 148 -5.51 -6.14 -0.37
N ASP A 149 -4.35 -6.44 0.22
CA ASP A 149 -3.09 -6.14 -0.43
C ASP A 149 -2.61 -7.42 -1.11
N LEU A 150 -2.42 -7.35 -2.43
CA LEU A 150 -2.07 -8.50 -3.27
C LEU A 150 -0.69 -8.28 -3.89
N SER A 151 0.20 -7.65 -3.12
CA SER A 151 1.57 -7.41 -3.57
C SER A 151 2.18 -8.72 -4.04
N CYS A 152 3.04 -8.63 -5.06
CA CYS A 152 3.39 -9.85 -5.76
C CYS A 152 4.76 -9.74 -6.42
N ARG A 153 5.29 -10.92 -6.76
CA ARG A 153 6.53 -11.12 -7.49
C ARG A 153 6.27 -12.08 -8.64
N LYS A 154 6.90 -11.82 -9.78
CA LYS A 154 6.76 -12.73 -10.91
C LYS A 154 7.47 -14.03 -10.56
N LYS A 155 6.78 -15.16 -10.75
CA LYS A 155 7.32 -16.47 -10.43
C LYS A 155 6.74 -17.47 -11.42
N GLU A 156 7.61 -18.06 -12.25
CA GLU A 156 7.18 -19.03 -13.25
C GLU A 156 6.16 -18.44 -14.20
N GLY A 157 6.39 -17.20 -14.61
CA GLY A 157 5.56 -16.56 -15.61
C GLY A 157 4.24 -16.00 -15.11
N LYS A 158 3.92 -16.19 -13.83
CA LYS A 158 2.72 -15.61 -13.24
C LYS A 158 3.14 -14.70 -12.07
N TYR A 159 2.23 -13.81 -11.67
CA TYR A 159 2.50 -12.99 -10.48
C TYR A 159 2.01 -13.75 -9.26
N ALA A 160 2.93 -14.06 -8.35
CA ALA A 160 2.59 -14.78 -7.13
C ALA A 160 2.44 -13.78 -5.99
N ILE A 161 1.32 -13.85 -5.28
CA ILE A 161 1.14 -12.97 -4.13
C ILE A 161 2.12 -13.37 -3.04
N VAL A 162 2.78 -12.38 -2.45
CA VAL A 162 3.78 -12.64 -1.41
C VAL A 162 3.23 -12.13 -0.08
N THR A 163 3.58 -12.85 0.98
CA THR A 163 3.02 -12.62 2.31
C THR A 163 4.15 -12.40 3.31
N ASP A 164 3.78 -12.18 4.57
CA ASP A 164 4.73 -12.05 5.67
C ASP A 164 5.78 -10.98 5.37
N ARG A 165 5.27 -9.78 5.10
CA ARG A 165 6.10 -8.63 4.77
C ARG A 165 7.03 -8.92 3.60
N TRP A 166 6.48 -9.64 2.59
CA TRP A 166 7.09 -9.92 1.29
C TRP A 166 8.22 -10.92 1.39
N GLN A 167 8.23 -11.74 2.42
CA GLN A 167 9.32 -12.67 2.65
C GLN A 167 8.93 -14.12 2.40
N LYS A 168 7.71 -14.36 1.92
CA LYS A 168 7.25 -15.70 1.58
C LYS A 168 6.39 -15.63 0.32
N PHE A 169 6.62 -16.57 -0.61
CA PHE A 169 5.75 -16.75 -1.76
C PHE A 169 4.51 -17.55 -1.36
N SER A 170 3.33 -17.00 -1.65
CA SER A 170 2.14 -17.83 -1.55
C SER A 170 2.00 -18.70 -2.80
N ASP A 171 1.00 -19.59 -2.77
CA ASP A 171 0.63 -20.37 -3.93
C ASP A 171 -0.53 -19.78 -4.70
N VAL A 172 -0.87 -18.51 -4.45
CA VAL A 172 -1.99 -17.86 -5.10
C VAL A 172 -1.45 -16.85 -6.10
N SER A 173 -1.94 -16.93 -7.33
CA SER A 173 -1.52 -16.07 -8.42
C SER A 173 -2.42 -14.85 -8.49
N LEU A 174 -1.84 -13.70 -8.81
CA LEU A 174 -2.65 -12.52 -9.07
C LEU A 174 -3.07 -12.58 -10.52
N ASP A 175 -4.32 -12.93 -10.78
CA ASP A 175 -4.81 -12.99 -12.15
C ASP A 175 -6.28 -12.59 -12.17
N ALA A 176 -6.91 -12.73 -13.33
CA ALA A 176 -8.28 -12.24 -13.52
C ALA A 176 -9.25 -12.94 -12.59
N LYS A 177 -9.13 -14.27 -12.45
CA LYS A 177 -10.12 -15.00 -11.65
C LYS A 177 -9.94 -14.71 -10.17
N VAL A 178 -8.70 -14.57 -9.71
CA VAL A 178 -8.45 -14.28 -8.31
C VAL A 178 -8.93 -12.88 -7.97
N MET A 179 -8.67 -11.91 -8.85
CA MET A 179 -9.14 -10.56 -8.57
C MET A 179 -10.66 -10.48 -8.59
N GLU A 180 -11.29 -11.19 -9.52
CA GLU A 180 -12.76 -11.21 -9.55
C GLU A 180 -13.32 -11.82 -8.28
N PHE A 181 -12.73 -12.92 -7.81
CA PHE A 181 -13.24 -13.57 -6.61
C PHE A 181 -13.00 -12.72 -5.37
N LEU A 182 -11.77 -12.25 -5.17
CA LEU A 182 -11.46 -11.49 -3.96
C LEU A 182 -12.17 -10.15 -3.91
N ALA A 183 -12.63 -9.62 -5.04
CA ALA A 183 -13.34 -8.35 -5.03
C ALA A 183 -14.68 -8.44 -4.30
N ASN A 184 -15.20 -9.65 -4.08
CA ASN A 184 -16.41 -9.81 -3.29
C ASN A 184 -16.17 -9.56 -1.81
N PHE A 185 -14.92 -9.44 -1.39
CA PHE A 185 -14.57 -9.31 0.01
C PHE A 185 -13.82 -8.03 0.34
N ALA A 186 -13.54 -7.18 -0.64
CA ALA A 186 -12.75 -5.98 -0.38
C ALA A 186 -13.33 -4.77 -1.11
N ASP A 187 -13.08 -3.60 -0.52
CA ASP A 187 -13.47 -2.32 -1.12
C ASP A 187 -12.49 -1.90 -2.23
N GLU A 188 -11.20 -2.19 -2.02
CA GLU A 188 -10.15 -1.82 -2.96
C GLU A 188 -9.04 -2.87 -2.84
N PHE A 189 -8.13 -2.84 -3.81
CA PHE A 189 -6.87 -3.58 -3.75
C PHE A 189 -5.71 -2.61 -3.67
N LEU A 190 -4.65 -3.02 -2.96
CA LEU A 190 -3.36 -2.34 -2.96
C LEU A 190 -2.33 -3.36 -3.42
N VAL A 191 -1.54 -3.01 -4.44
CA VAL A 191 -0.61 -3.99 -5.03
C VAL A 191 0.76 -3.33 -5.18
N HIS A 192 1.75 -3.84 -4.44
CA HIS A 192 3.13 -3.38 -4.60
C HIS A 192 3.84 -4.25 -5.63
N GLY A 193 4.56 -3.60 -6.54
CA GLY A 193 5.51 -4.31 -7.39
C GLY A 193 6.79 -4.57 -6.60
N VAL A 194 6.83 -5.71 -5.91
CA VAL A 194 7.82 -5.90 -4.85
C VAL A 194 9.23 -5.81 -5.41
N ASP A 195 9.45 -6.36 -6.60
CA ASP A 195 10.81 -6.38 -7.11
C ASP A 195 11.33 -4.97 -7.43
N VAL A 196 10.45 -4.04 -7.80
CA VAL A 196 10.89 -2.70 -8.14
C VAL A 196 10.74 -1.71 -6.99
N GLU A 197 10.02 -2.07 -5.93
CA GLU A 197 9.69 -1.11 -4.89
C GLU A 197 10.94 -0.59 -4.18
N GLY A 198 10.95 0.72 -3.90
CA GLY A 198 12.00 1.35 -3.12
C GLY A 198 13.30 1.52 -3.86
N LYS A 199 13.40 1.10 -5.11
CA LYS A 199 14.68 1.09 -5.79
C LYS A 199 14.86 2.27 -6.74
N LYS A 200 13.81 3.05 -6.97
CA LYS A 200 13.90 4.29 -7.76
C LYS A 200 14.43 4.03 -9.18
N LEU A 201 14.06 2.88 -9.74
CA LEU A 201 14.49 2.50 -11.08
C LEU A 201 13.32 2.41 -12.06
N GLY A 202 12.12 2.83 -11.66
CA GLY A 202 10.96 2.77 -12.53
C GLY A 202 9.98 1.70 -12.10
N ILE A 203 8.83 1.71 -12.78
CA ILE A 203 7.68 0.90 -12.40
C ILE A 203 7.68 -0.43 -13.12
N ASP A 204 6.81 -1.35 -12.69
CA ASP A 204 6.57 -2.61 -13.38
C ASP A 204 5.32 -2.43 -14.24
N GLU A 205 5.54 -2.09 -15.51
CA GLU A 205 4.41 -1.77 -16.40
C GLU A 205 3.57 -3.01 -16.71
N GLU A 206 4.20 -4.18 -16.76
CA GLU A 206 3.44 -5.40 -16.97
C GLU A 206 2.41 -5.60 -15.86
N LEU A 207 2.84 -5.40 -14.62
CA LEU A 207 1.91 -5.52 -13.49
C LEU A 207 0.82 -4.46 -13.55
N VAL A 208 1.19 -3.20 -13.80
CA VAL A 208 0.18 -2.14 -13.89
C VAL A 208 -0.87 -2.48 -14.95
N ALA A 209 -0.43 -3.02 -16.10
CA ALA A 209 -1.38 -3.35 -17.16
C ALA A 209 -2.34 -4.46 -16.73
N LEU A 210 -1.82 -5.46 -16.00
CA LEU A 210 -2.67 -6.53 -15.48
C LEU A 210 -3.72 -5.97 -14.53
N LEU A 211 -3.31 -5.09 -13.62
CA LEU A 211 -4.25 -4.49 -12.69
C LEU A 211 -5.31 -3.68 -13.41
N GLY A 212 -4.92 -2.89 -14.41
CA GLY A 212 -5.87 -2.05 -15.09
C GLY A 212 -6.87 -2.85 -15.92
N LYS A 213 -6.44 -4.00 -16.40
CA LYS A 213 -7.29 -4.81 -17.28
C LYS A 213 -8.28 -5.64 -16.47
N HIS A 214 -7.87 -6.14 -15.30
CA HIS A 214 -8.61 -7.20 -14.63
C HIS A 214 -9.15 -6.88 -13.23
N SER A 215 -8.86 -5.72 -12.65
CA SER A 215 -9.42 -5.43 -11.33
C SER A 215 -10.83 -4.87 -11.48
N PRO A 216 -11.83 -5.50 -10.86
CA PRO A 216 -13.20 -4.97 -10.95
C PRO A 216 -13.49 -3.88 -9.93
N ILE A 217 -12.55 -3.58 -9.04
CA ILE A 217 -12.71 -2.57 -7.99
C ILE A 217 -11.52 -1.63 -8.03
N PRO A 218 -11.53 -0.51 -7.28
CA PRO A 218 -10.37 0.38 -7.29
C PRO A 218 -9.12 -0.35 -6.86
N VAL A 219 -8.01 -0.03 -7.51
CA VAL A 219 -6.74 -0.67 -7.24
C VAL A 219 -5.65 0.39 -7.28
N THR A 220 -4.76 0.34 -6.30
CA THR A 220 -3.62 1.25 -6.21
C THR A 220 -2.35 0.44 -6.43
N TYR A 221 -1.53 0.89 -7.37
CA TYR A 221 -0.20 0.33 -7.58
C TYR A 221 0.83 1.16 -6.84
N ALA A 222 1.85 0.48 -6.30
CA ALA A 222 2.95 1.14 -5.64
C ALA A 222 4.25 0.47 -6.03
N GLY A 223 5.29 1.28 -6.24
CA GLY A 223 6.63 0.75 -6.41
C GLY A 223 7.41 1.33 -7.57
N GLY A 224 8.50 2.03 -7.25
CA GLY A 224 9.46 2.44 -8.27
C GLY A 224 9.11 3.70 -9.04
N VAL A 225 8.00 4.39 -8.74
CA VAL A 225 7.73 5.65 -9.42
C VAL A 225 8.83 6.64 -9.07
N THR A 226 9.51 7.18 -10.10
CA THR A 226 10.67 8.00 -9.81
C THR A 226 10.63 9.37 -10.48
N VAL A 227 10.08 9.47 -11.68
CA VAL A 227 9.98 10.73 -12.40
C VAL A 227 8.55 10.96 -12.85
N MET A 228 8.26 12.20 -13.25
CA MET A 228 6.92 12.55 -13.67
C MET A 228 6.42 11.66 -14.79
N ASP A 229 7.31 11.25 -15.71
CA ASP A 229 6.85 10.42 -16.81
C ASP A 229 6.34 9.07 -16.33
N ASP A 230 6.81 8.59 -15.17
CA ASP A 230 6.31 7.34 -14.63
C ASP A 230 4.83 7.45 -14.27
N LEU A 231 4.38 8.63 -13.86
CA LEU A 231 2.96 8.84 -13.62
C LEU A 231 2.16 8.73 -14.91
N GLU A 232 2.69 9.27 -16.00
CA GLU A 232 2.02 9.09 -17.28
C GLU A 232 2.04 7.64 -17.74
N ARG A 233 3.12 6.91 -17.44
CA ARG A 233 3.14 5.48 -17.75
C ARG A 233 2.08 4.73 -16.95
N ILE A 234 1.81 5.16 -15.72
CA ILE A 234 0.72 4.58 -14.94
C ILE A 234 -0.61 4.76 -15.66
N ARG A 235 -0.87 5.98 -16.13
CA ARG A 235 -2.09 6.24 -16.89
C ARG A 235 -2.18 5.32 -18.10
N THR A 236 -1.11 5.25 -18.90
CA THR A 236 -1.18 4.55 -20.17
C THR A 236 -1.24 3.04 -19.98
N ALA A 237 -0.32 2.48 -19.20
CA ALA A 237 -0.34 1.03 -18.97
C ALA A 237 -1.62 0.62 -18.26
N GLY A 238 -2.09 1.42 -17.31
CA GLY A 238 -3.25 1.05 -16.54
C GLY A 238 -4.58 1.46 -17.13
N MET A 239 -4.56 2.14 -18.28
CA MET A 239 -5.79 2.61 -18.95
C MET A 239 -6.62 3.49 -18.03
N ASP A 240 -5.94 4.31 -17.22
CA ASP A 240 -6.54 5.20 -16.24
C ASP A 240 -7.37 4.46 -15.19
N ASN A 241 -7.16 3.15 -15.04
CA ASN A 241 -7.89 2.35 -14.06
C ASN A 241 -7.11 2.10 -12.78
N VAL A 242 -5.84 2.50 -12.72
CA VAL A 242 -4.94 2.16 -11.61
C VAL A 242 -4.49 3.45 -10.94
N ASP A 243 -4.71 3.57 -9.64
CA ASP A 243 -4.17 4.67 -8.86
C ASP A 243 -2.71 4.38 -8.48
N VAL A 244 -2.00 5.38 -7.92
CA VAL A 244 -0.56 5.27 -7.77
C VAL A 244 -0.07 5.88 -6.47
N THR A 245 0.83 5.15 -5.80
CA THR A 245 1.54 5.63 -4.63
C THR A 245 2.99 5.93 -5.00
N VAL A 246 3.53 7.01 -4.44
CA VAL A 246 4.94 7.34 -4.55
C VAL A 246 5.51 7.48 -3.16
N GLY A 247 6.58 6.76 -2.89
CA GLY A 247 7.26 6.85 -1.60
C GLY A 247 8.67 7.41 -1.71
N SER A 248 9.63 6.52 -2.02
CA SER A 248 11.04 6.85 -1.91
C SER A 248 11.45 8.04 -2.76
N ALA A 249 10.83 8.20 -3.94
CA ALA A 249 11.28 9.27 -4.83
C ALA A 249 10.84 10.65 -4.38
N LEU A 250 9.88 10.76 -3.47
CA LEU A 250 9.37 12.08 -3.10
C LEU A 250 10.39 12.88 -2.31
N ASP A 251 10.44 14.19 -2.58
CA ASP A 251 11.35 15.07 -1.85
C ASP A 251 11.11 15.00 -0.35
N ILE A 252 9.85 14.87 0.08
CA ILE A 252 9.58 14.81 1.50
C ILE A 252 10.09 13.53 2.15
N PHE A 253 10.46 12.52 1.35
CA PHE A 253 11.07 11.29 1.84
C PHE A 253 12.49 11.15 1.28
N GLY A 254 13.14 12.27 0.98
CA GLY A 254 14.54 12.27 0.63
C GLY A 254 14.85 12.13 -0.85
N GLY A 255 13.84 12.03 -1.70
CA GLY A 255 14.05 11.86 -3.12
C GLY A 255 14.07 13.19 -3.86
N ASN A 256 14.01 13.09 -5.19
CA ASN A 256 14.11 14.24 -6.08
C ASN A 256 12.81 14.64 -6.74
N LEU A 257 11.75 13.84 -6.63
CA LEU A 257 10.47 14.16 -7.24
C LEU A 257 9.68 15.01 -6.27
N ALA A 258 9.27 16.21 -6.70
CA ALA A 258 8.66 17.14 -5.76
C ALA A 258 7.23 16.70 -5.46
N TYR A 259 6.92 16.53 -4.17
CA TYR A 259 5.56 16.27 -3.74
C TYR A 259 4.58 17.28 -4.35
N LYS A 260 4.97 18.56 -4.37
CA LYS A 260 4.04 19.57 -4.91
C LYS A 260 3.72 19.34 -6.37
N ASP A 261 4.68 18.81 -7.15
CA ASP A 261 4.42 18.53 -8.56
C ASP A 261 3.54 17.30 -8.74
N VAL A 262 3.67 16.31 -7.86
CA VAL A 262 2.78 15.15 -7.93
C VAL A 262 1.36 15.54 -7.54
N VAL A 263 1.20 16.39 -6.52
CA VAL A 263 -0.13 16.89 -6.16
C VAL A 263 -0.77 17.63 -7.32
N ALA A 264 -0.01 18.52 -7.97
CA ALA A 264 -0.58 19.27 -9.09
C ALA A 264 -1.01 18.33 -10.22
N TRP A 265 -0.20 17.30 -10.49
CA TRP A 265 -0.54 16.30 -11.49
C TRP A 265 -1.83 15.56 -11.13
N HIS A 266 -1.97 15.20 -9.86
CA HIS A 266 -3.18 14.57 -9.35
C HIS A 266 -4.40 15.47 -9.55
N ASN A 267 -4.26 16.75 -9.21
CA ASN A 267 -5.38 17.67 -9.36
C ASN A 267 -5.74 17.87 -10.83
N GLN A 268 -4.76 17.77 -11.72
CA GLN A 268 -5.04 17.93 -13.14
C GLN A 268 -5.83 16.77 -13.73
N GLN A 269 -5.81 15.59 -13.08
CA GLN A 269 -6.60 14.46 -13.55
C GLN A 269 -8.09 14.66 -13.35
N LYS A 270 -8.48 15.50 -12.40
CA LYS A 270 -9.90 15.65 -12.05
C LYS A 270 -10.67 16.37 -13.13
N VAL A 271 -9.99 17.22 -13.90
CA VAL A 271 -10.62 18.04 -14.93
C VAL A 271 -11.29 17.17 -15.99
#